data_8JEX
#
_entry.id   8JEX
#
_cell.length_a   1.00
_cell.length_b   1.00
_cell.length_c   1.00
_cell.angle_alpha   90.00
_cell.angle_beta   90.00
_cell.angle_gamma   90.00
#
_symmetry.space_group_name_H-M   'P 1'
#
loop_
_entity.id
_entity.type
_entity.pdbx_description
1 polymer Alpha-synuclein
2 polymer 'unverified amino acid chain'
3 non-polymer 2-acetamido-2-deoxy-beta-D-glucopyranose
#
loop_
_entity_poly.entity_id
_entity_poly.type
_entity_poly.pdbx_seq_one_letter_code
_entity_poly.pdbx_strand_id
1 'polypeptide(L)'
;MDVFMKGLSKAKEGVVAAAEKTKQGVAEAAGKTKEGVLYVGSKTKEGVVHGVATVAEKTKEQVTNVGGAVVTGVTAVAQK
TVEGAGSIAAATGFVKKDQLGKNEEGAPQEGILEDMPVDPDNEAYEMPSEEGYQDYEPEA
;
H,P,G,B,K,A
2 'polypeptide(L)' (UNK)(UNK)(UNK)(UNK)(UNK)(UNK)(UNK)(UNK)(UNK) J,Q,I,D,L,C
#
loop_
_chem_comp.id
_chem_comp.type
_chem_comp.name
_chem_comp.formula
NAG D-saccharide, beta linking 2-acetamido-2-deoxy-beta-D-glucopyranose 'C8 H15 N O6'
#
# COMPACT_ATOMS: atom_id res chain seq x y z
N GLU A 35 14.43 2.32 -25.41
CA GLU A 35 13.93 3.06 -24.26
C GLU A 35 13.04 2.18 -23.38
N GLY A 36 13.32 0.88 -23.38
CA GLY A 36 12.52 -0.06 -22.60
C GLY A 36 12.68 0.19 -21.12
N VAL A 37 11.57 0.29 -20.40
CA VAL A 37 11.58 0.53 -18.97
C VAL A 37 11.33 -0.79 -18.25
N LEU A 38 11.56 -0.80 -16.95
CA LEU A 38 11.39 -2.01 -16.17
C LEU A 38 10.70 -1.68 -14.85
N TYR A 39 10.32 -2.74 -14.12
CA TYR A 39 9.69 -2.58 -12.81
C TYR A 39 9.70 -3.95 -12.13
N VAL A 40 10.10 -3.97 -10.85
CA VAL A 40 10.11 -5.19 -10.07
C VAL A 40 9.58 -4.86 -8.67
N GLY A 41 8.81 -5.80 -8.12
CA GLY A 41 8.26 -5.63 -6.80
C GLY A 41 8.01 -6.95 -6.08
N SER A 42 8.33 -7.00 -4.79
CA SER A 42 8.19 -8.22 -4.00
C SER A 42 7.78 -7.87 -2.58
N LYS A 43 6.93 -8.71 -2.00
CA LYS A 43 6.45 -8.50 -0.63
C LYS A 43 6.39 -9.85 0.07
N THR A 44 7.41 -10.16 0.85
CA THR A 44 7.40 -11.36 1.68
C THR A 44 7.22 -10.98 3.14
N LYS A 45 6.57 -11.83 3.92
CA LYS A 45 6.37 -11.53 5.33
C LYS A 45 6.96 -12.60 6.24
N GLU A 46 6.72 -13.89 5.97
CA GLU A 46 7.38 -14.91 6.76
C GLU A 46 8.79 -15.27 6.28
N GLY A 47 9.44 -16.19 7.00
CA GLY A 47 10.86 -16.45 6.84
C GLY A 47 11.20 -17.25 5.59
N VAL A 48 12.44 -17.07 5.16
CA VAL A 48 12.95 -17.74 3.95
C VAL A 48 14.25 -18.46 4.28
N VAL A 49 14.17 -19.76 4.57
CA VAL A 49 15.38 -20.55 4.77
C VAL A 49 15.90 -21.01 3.42
N HIS A 50 17.22 -20.94 3.24
CA HIS A 50 17.84 -21.22 1.95
C HIS A 50 19.23 -21.78 2.19
N GLY A 51 19.40 -23.08 1.97
CA GLY A 51 20.69 -23.73 2.17
C GLY A 51 21.19 -24.48 0.96
N VAL A 52 22.43 -24.22 0.56
CA VAL A 52 23.04 -24.85 -0.60
C VAL A 52 24.34 -25.53 -0.17
N ALA A 53 24.72 -26.56 -0.91
CA ALA A 53 25.97 -27.26 -0.64
C ALA A 53 26.46 -27.88 -1.95
N THR A 54 27.78 -27.79 -2.18
CA THR A 54 28.39 -28.31 -3.40
C THR A 54 29.72 -28.95 -3.06
N VAL A 55 29.89 -30.22 -3.42
CA VAL A 55 31.08 -30.98 -3.12
C VAL A 55 31.66 -31.51 -4.43
N ALA A 56 32.99 -31.63 -4.48
CA ALA A 56 33.67 -32.15 -5.66
C ALA A 56 34.98 -32.78 -5.17
N GLU A 57 35.13 -34.08 -5.40
CA GLU A 57 36.30 -34.83 -4.96
C GLU A 57 36.91 -35.56 -6.16
N LYS A 58 38.11 -35.14 -6.56
CA LYS A 58 38.90 -35.81 -7.58
C LYS A 58 38.16 -35.87 -8.91
N THR A 59 37.45 -34.78 -9.23
CA THR A 59 36.72 -34.66 -10.47
C THR A 59 37.42 -33.70 -11.43
N LYS A 60 37.24 -33.94 -12.72
CA LYS A 60 37.89 -33.13 -13.74
C LYS A 60 37.08 -31.91 -14.14
N GLU A 61 35.80 -31.83 -13.78
CA GLU A 61 34.95 -30.72 -14.18
C GLU A 61 33.69 -30.73 -13.35
N GLN A 62 33.25 -29.53 -12.94
CA GLN A 62 31.98 -29.38 -12.25
C GLN A 62 31.43 -27.97 -12.45
N VAL A 63 30.45 -27.82 -13.33
CA VAL A 63 29.80 -26.55 -13.57
C VAL A 63 28.42 -26.61 -12.95
N THR A 64 28.12 -25.69 -12.04
CA THR A 64 26.87 -25.70 -11.29
C THR A 64 26.28 -24.30 -11.24
N ASN A 65 24.95 -24.24 -11.29
CA ASN A 65 24.23 -22.96 -11.21
C ASN A 65 22.93 -23.23 -10.46
N VAL A 66 22.83 -22.67 -9.26
CA VAL A 66 21.65 -22.85 -8.42
C VAL A 66 20.91 -21.52 -8.32
N GLY A 67 19.59 -21.57 -8.49
CA GLY A 67 18.77 -20.38 -8.38
C GLY A 67 18.45 -20.03 -6.93
N GLY A 68 18.00 -18.79 -6.74
CA GLY A 68 17.68 -18.31 -5.42
C GLY A 68 16.31 -18.75 -4.95
N ALA A 69 16.11 -18.66 -3.64
CA ALA A 69 14.85 -19.08 -3.03
C ALA A 69 13.68 -18.28 -3.58
N VAL A 70 13.67 -16.97 -3.34
CA VAL A 70 12.63 -16.10 -3.87
C VAL A 70 13.28 -15.06 -4.76
N VAL A 71 13.37 -15.35 -6.05
CA VAL A 71 13.96 -14.43 -7.02
C VAL A 71 12.93 -13.94 -8.02
N THR A 72 12.73 -12.62 -8.06
CA THR A 72 11.81 -11.98 -9.00
C THR A 72 12.55 -10.96 -9.83
N GLY A 73 12.53 -11.14 -11.15
CA GLY A 73 13.21 -10.25 -12.07
C GLY A 73 14.08 -11.01 -13.04
N VAL A 74 14.71 -10.25 -13.94
CA VAL A 74 15.58 -10.83 -14.95
C VAL A 74 16.78 -11.49 -14.28
N THR A 75 17.29 -12.55 -14.90
CA THR A 75 18.45 -13.27 -14.38
C THR A 75 19.11 -13.99 -15.55
N ALA A 76 20.35 -13.61 -15.84
CA ALA A 76 21.12 -14.20 -16.94
C ALA A 76 22.39 -14.82 -16.39
N VAL A 77 22.64 -16.08 -16.77
CA VAL A 77 23.82 -16.82 -16.34
C VAL A 77 24.49 -17.43 -17.56
N ALA A 78 25.81 -17.37 -17.59
CA ALA A 78 26.60 -17.95 -18.68
C ALA A 78 27.89 -18.49 -18.10
N GLN A 79 28.12 -19.79 -18.28
CA GLN A 79 29.27 -20.46 -17.68
C GLN A 79 30.00 -21.26 -18.75
N LYS A 80 31.28 -20.93 -18.96
CA LYS A 80 32.16 -21.66 -19.88
C LYS A 80 31.58 -21.67 -21.29
N THR A 81 30.98 -20.55 -21.68
CA THR A 81 30.42 -20.39 -23.01
C THR A 81 31.45 -19.80 -23.96
N VAL A 82 31.21 -19.99 -25.25
CA VAL A 82 32.07 -19.46 -26.32
C VAL A 82 31.17 -18.85 -27.38
N GLU A 83 31.27 -17.54 -27.56
CA GLU A 83 30.40 -16.82 -28.48
C GLU A 83 31.03 -16.65 -29.86
N GLY A 84 32.25 -16.10 -29.92
CA GLY A 84 32.95 -15.86 -31.20
C GLY A 84 34.44 -15.89 -31.01
N ALA A 85 35.20 -16.21 -32.06
CA ALA A 85 36.67 -16.31 -31.99
C ALA A 85 37.03 -16.97 -30.65
N GLY A 86 36.84 -18.28 -30.52
CA GLY A 86 37.11 -18.99 -29.26
C GLY A 86 38.60 -19.18 -29.00
N SER A 87 38.95 -20.03 -28.03
CA SER A 87 40.34 -20.33 -27.72
C SER A 87 40.92 -21.36 -28.68
N ILE A 88 42.21 -21.24 -28.95
CA ILE A 88 42.91 -22.14 -29.85
C ILE A 88 44.06 -22.80 -29.10
N ALA A 89 44.46 -23.98 -29.58
CA ALA A 89 45.56 -24.72 -28.98
C ALA A 89 46.44 -25.40 -30.01
N UNK B 1 35.08 -43.13 3.71
CA UNK B 1 33.88 -43.36 4.50
C UNK B 1 33.14 -42.05 4.75
N UNK B 2 32.74 -41.38 3.68
CA UNK B 2 32.02 -40.12 3.80
C UNK B 2 30.66 -40.33 4.45
N UNK B 3 30.25 -39.36 5.25
CA UNK B 3 28.97 -39.40 5.95
C UNK B 3 28.31 -38.02 5.88
N UNK B 4 28.34 -37.42 4.69
CA UNK B 4 27.79 -36.08 4.51
C UNK B 4 26.30 -36.04 4.82
N UNK B 5 25.83 -34.86 5.20
CA UNK B 5 24.43 -34.63 5.48
C UNK B 5 24.13 -33.16 5.21
N UNK B 6 22.85 -32.84 5.01
CA UNK B 6 22.46 -31.45 4.77
C UNK B 6 21.57 -30.92 5.88
N UNK B 7 20.46 -31.62 6.15
CA UNK B 7 19.53 -31.27 7.21
C UNK B 7 19.17 -29.79 7.18
N UNK B 8 18.67 -29.34 6.03
CA UNK B 8 18.31 -27.93 5.84
C UNK B 8 16.87 -27.70 6.28
N UNK B 9 16.68 -27.75 7.60
CA UNK B 9 15.36 -27.55 8.19
C UNK B 9 14.92 -26.10 8.09
N GLU C 35 17.16 5.57 -23.14
CA GLU C 35 16.66 6.31 -21.99
C GLU C 35 15.78 5.42 -21.11
N GLY C 36 16.08 4.13 -21.11
CA GLY C 36 15.29 3.18 -20.33
C GLY C 36 15.46 3.42 -18.84
N VAL C 37 14.34 3.52 -18.13
CA VAL C 37 14.37 3.75 -16.70
C VAL C 37 14.12 2.42 -15.99
N LEU C 38 14.36 2.40 -14.67
CA LEU C 38 14.20 1.18 -13.90
C LEU C 38 13.52 1.51 -12.58
N TYR C 39 13.14 0.45 -11.86
CA TYR C 39 12.52 0.58 -10.55
C TYR C 39 12.55 -0.78 -9.87
N VAL C 40 12.95 -0.81 -8.60
CA VAL C 40 12.98 -2.04 -7.81
C VAL C 40 12.45 -1.72 -6.42
N GLY C 41 11.70 -2.67 -5.87
CA GLY C 41 11.15 -2.51 -4.53
C GLY C 41 10.92 -3.83 -3.83
N SER C 42 11.24 -3.88 -2.54
CA SER C 42 11.11 -5.11 -1.76
C SER C 42 10.71 -4.77 -0.34
N LYS C 43 9.87 -5.62 0.25
CA LYS C 43 9.40 -5.41 1.62
C LYS C 43 9.35 -6.77 2.31
N THR C 44 10.39 -7.08 3.09
CA THR C 44 10.38 -8.29 3.90
C THR C 44 10.21 -7.91 5.37
N LYS C 45 9.56 -8.78 6.15
CA LYS C 45 9.36 -8.48 7.57
C LYS C 45 9.97 -9.56 8.46
N GLU C 46 9.73 -10.84 8.19
CA GLU C 46 10.41 -11.88 8.97
C GLU C 46 11.82 -12.22 8.49
N GLY C 47 12.48 -13.14 9.19
CA GLY C 47 13.89 -13.39 9.02
C GLY C 47 14.24 -14.17 7.76
N VAL C 48 15.48 -13.99 7.33
CA VAL C 48 15.99 -14.65 6.12
C VAL C 48 17.29 -15.37 6.43
N VAL C 49 17.22 -16.66 6.71
CA VAL C 49 18.42 -17.46 6.91
C VAL C 49 18.94 -17.90 5.54
N HIS C 50 20.26 -17.82 5.35
CA HIS C 50 20.88 -18.08 4.06
C HIS C 50 22.28 -18.64 4.28
N GLY C 51 22.45 -19.94 4.06
CA GLY C 51 23.74 -20.57 4.26
C GLY C 51 24.24 -21.32 3.03
N VAL C 52 25.48 -21.05 2.63
CA VAL C 52 26.09 -21.68 1.46
C VAL C 52 27.38 -22.34 1.88
N ALA C 53 27.78 -23.37 1.14
CA ALA C 53 29.03 -24.07 1.38
C ALA C 53 29.52 -24.67 0.08
N THR C 54 30.83 -24.58 -0.16
CA THR C 54 31.45 -25.08 -1.38
C THR C 54 32.78 -25.71 -1.06
N VAL C 55 32.94 -26.99 -1.43
CA VAL C 55 34.15 -27.74 -1.14
C VAL C 55 34.72 -28.26 -2.46
N ALA C 56 36.05 -28.37 -2.51
CA ALA C 56 36.73 -28.89 -3.70
C ALA C 56 38.04 -29.51 -3.23
N GLU C 57 38.20 -30.80 -3.47
CA GLU C 57 39.37 -31.55 -3.04
C GLU C 57 39.99 -32.27 -4.23
N LYS C 58 41.18 -31.83 -4.64
CA LYS C 58 41.97 -32.50 -5.67
C LYS C 58 41.22 -32.55 -7.01
N THR C 59 40.51 -31.47 -7.30
CA THR C 59 39.75 -31.35 -8.55
C THR C 59 40.46 -30.38 -9.50
N LYS C 60 40.27 -30.60 -10.80
CA LYS C 60 40.90 -29.79 -11.82
C LYS C 60 40.09 -28.56 -12.21
N GLU C 61 38.81 -28.51 -11.83
CA GLU C 61 37.95 -27.39 -12.22
C GLU C 61 36.68 -27.42 -11.39
N GLN C 62 36.25 -26.22 -10.97
CA GLN C 62 34.97 -26.08 -10.28
C GLN C 62 34.42 -24.68 -10.45
N VAL C 63 33.44 -24.53 -11.34
CA VAL C 63 32.78 -23.25 -11.56
C VAL C 63 31.39 -23.33 -10.93
N THR C 64 31.10 -22.42 -10.00
CA THR C 64 29.86 -22.44 -9.26
C THR C 64 29.25 -21.04 -9.20
N ASN C 65 27.93 -20.99 -9.24
CA ASN C 65 27.20 -19.72 -9.14
C ASN C 65 25.91 -19.99 -8.39
N VAL C 66 25.80 -19.44 -7.19
CA VAL C 66 24.63 -19.63 -6.33
C VAL C 66 23.89 -18.31 -6.22
N GLY C 67 22.56 -18.37 -6.38
CA GLY C 67 21.75 -17.18 -6.26
C GLY C 67 21.42 -16.84 -4.82
N GLY C 68 20.97 -15.60 -4.61
CA GLY C 68 20.65 -15.14 -3.28
C GLY C 68 19.29 -15.59 -2.81
N ALA C 69 19.09 -15.50 -1.50
CA ALA C 69 17.84 -15.94 -0.88
C ALA C 69 16.66 -15.15 -1.42
N VAL C 70 16.65 -13.84 -1.17
CA VAL C 70 15.61 -12.97 -1.70
C VAL C 70 16.24 -11.91 -2.59
N VAL C 71 16.32 -12.19 -3.88
CA VAL C 71 16.90 -11.27 -4.84
C VAL C 71 15.86 -10.78 -5.84
N THR C 72 15.65 -9.46 -5.87
CA THR C 72 14.73 -8.83 -6.80
C THR C 72 15.46 -7.80 -7.63
N GLY C 73 15.43 -7.97 -8.94
CA GLY C 73 16.10 -7.07 -9.87
C GLY C 73 16.97 -7.82 -10.85
N VAL C 74 17.59 -7.05 -11.74
CA VAL C 74 18.45 -7.62 -12.77
C VAL C 74 19.67 -8.27 -12.11
N THR C 75 20.18 -9.33 -12.74
CA THR C 75 21.34 -10.05 -12.23
C THR C 75 22.01 -10.75 -13.40
N ALA C 76 23.24 -10.37 -13.70
CA ALA C 76 24.00 -10.95 -14.81
C ALA C 76 25.28 -11.57 -14.28
N VAL C 77 25.53 -12.81 -14.65
CA VAL C 77 26.72 -13.56 -14.23
C VAL C 77 27.38 -14.15 -15.46
N ALA C 78 28.71 -14.08 -15.51
CA ALA C 78 29.49 -14.64 -16.61
C ALA C 78 30.79 -15.19 -16.04
N GLN C 79 31.03 -16.48 -16.21
CA GLN C 79 32.19 -17.15 -15.63
C GLN C 79 32.92 -17.94 -16.70
N LYS C 80 34.19 -17.61 -16.92
CA LYS C 80 35.06 -18.31 -17.85
C LYS C 80 34.48 -18.33 -19.26
N THR C 81 33.87 -17.22 -19.64
CA THR C 81 33.30 -17.05 -20.98
C THR C 81 34.33 -16.44 -21.92
N VAL C 82 34.08 -16.62 -23.22
CA VAL C 82 34.93 -16.09 -24.27
C VAL C 82 34.03 -15.48 -25.33
N GLU C 83 34.11 -14.16 -25.50
CA GLU C 83 33.23 -13.44 -26.41
C GLU C 83 33.85 -13.27 -27.81
N GLY C 84 35.06 -12.71 -27.86
CA GLY C 84 35.75 -12.45 -29.15
C GLY C 84 37.24 -12.48 -28.96
N ALA C 85 38.00 -12.78 -30.02
CA ALA C 85 39.48 -12.88 -29.96
C ALA C 85 39.84 -13.54 -28.62
N GLY C 86 39.67 -14.85 -28.51
CA GLY C 86 39.94 -15.56 -27.25
C GLY C 86 41.44 -15.75 -27.00
N SER C 87 41.81 -16.61 -26.05
CA SER C 87 43.19 -16.90 -25.73
C SER C 87 43.77 -17.91 -26.70
N ILE C 88 45.06 -17.78 -26.99
CA ILE C 88 45.76 -18.69 -27.89
C ILE C 88 46.92 -19.34 -27.16
N ALA C 89 47.32 -20.51 -27.64
CA ALA C 89 48.43 -21.25 -27.05
C ALA C 89 49.32 -21.93 -28.10
N UNK D 1 38.26 -39.91 5.59
CA UNK D 1 37.07 -40.15 6.39
C UNK D 1 36.32 -38.84 6.66
N UNK D 2 35.91 -38.16 5.58
CA UNK D 2 35.19 -36.91 5.71
C UNK D 2 33.82 -37.14 6.37
N UNK D 3 33.42 -36.17 7.19
CA UNK D 3 32.15 -36.23 7.89
C UNK D 3 31.47 -34.85 7.83
N UNK D 4 31.49 -34.24 6.65
CA UNK D 4 30.94 -32.90 6.47
C UNK D 4 29.45 -32.88 6.79
N UNK D 5 28.97 -31.70 7.19
CA UNK D 5 27.55 -31.48 7.48
C UNK D 5 27.25 -30.01 7.22
N UNK D 6 25.97 -29.69 7.02
CA UNK D 6 25.58 -28.30 6.80
C UNK D 6 24.69 -27.79 7.92
N UNK D 7 23.59 -28.49 8.19
CA UNK D 7 22.65 -28.16 9.26
C UNK D 7 22.28 -26.67 9.25
N UNK D 8 21.78 -26.22 8.10
CA UNK D 8 21.42 -24.81 7.91
C UNK D 8 19.97 -24.60 8.36
N UNK D 9 19.79 -24.65 9.69
CA UNK D 9 18.48 -24.47 10.28
C UNK D 9 18.03 -23.03 10.19
N GLU E 35 19.85 8.81 -20.88
CA GLU E 35 19.35 9.53 -19.72
C GLU E 35 18.49 8.63 -18.84
N GLY E 36 18.79 7.34 -18.85
CA GLY E 36 18.02 6.39 -18.08
C GLY E 36 18.18 6.62 -16.60
N VAL E 37 17.08 6.71 -15.86
CA VAL E 37 17.10 6.93 -14.44
C VAL E 37 16.87 5.60 -13.73
N LEU E 38 17.12 5.57 -12.42
CA LEU E 38 16.97 4.35 -11.65
C LEU E 38 16.30 4.66 -10.32
N TYR E 39 15.93 3.60 -9.61
CA TYR E 39 15.32 3.72 -8.29
C TYR E 39 15.35 2.36 -7.62
N VAL E 40 15.76 2.32 -6.35
CA VAL E 40 15.80 1.10 -5.57
C VAL E 40 15.27 1.40 -4.17
N GLY E 41 14.52 0.45 -3.62
CA GLY E 41 13.99 0.60 -2.28
C GLY E 41 13.77 -0.73 -1.59
N SER E 42 14.10 -0.79 -0.30
CA SER E 42 13.98 -2.02 0.47
C SER E 42 13.58 -1.69 1.91
N LYS E 43 12.75 -2.55 2.49
CA LYS E 43 12.29 -2.35 3.86
C LYS E 43 12.25 -3.71 4.54
N THR E 44 13.29 -4.02 5.32
CA THR E 44 13.31 -5.23 6.13
C THR E 44 13.13 -4.86 7.60
N LYS E 45 12.50 -5.73 8.39
CA LYS E 45 12.31 -5.45 9.81
C LYS E 45 12.93 -6.52 10.68
N GLU E 46 12.69 -7.81 10.40
CA GLU E 46 13.38 -8.84 11.18
C GLU E 46 14.78 -9.17 10.68
N GLY E 47 15.46 -10.10 11.37
CA GLY E 47 16.86 -10.33 11.20
C GLY E 47 17.21 -11.11 9.94
N VAL E 48 18.45 -10.93 9.49
CA VAL E 48 18.94 -11.57 8.28
C VAL E 48 20.26 -12.28 8.58
N VAL E 49 20.20 -13.58 8.85
CA VAL E 49 21.40 -14.37 9.04
C VAL E 49 21.92 -14.80 7.67
N HIS E 50 23.24 -14.72 7.48
CA HIS E 50 23.85 -14.97 6.18
C HIS E 50 25.25 -15.52 6.39
N GLY E 51 25.44 -16.81 6.16
CA GLY E 51 26.72 -17.44 6.34
C GLY E 51 27.22 -18.18 5.11
N VAL E 52 28.46 -17.90 4.70
CA VAL E 52 29.05 -18.52 3.52
C VAL E 52 30.36 -19.18 3.94
N ALA E 53 30.76 -20.21 3.18
CA ALA E 53 32.01 -20.90 3.42
C ALA E 53 32.50 -21.49 2.11
N THR E 54 33.81 -21.39 1.87
CA THR E 54 34.41 -21.88 0.63
C THR E 54 35.76 -22.51 0.96
N VAL E 55 35.93 -23.77 0.57
CA VAL E 55 37.15 -24.53 0.85
C VAL E 55 37.70 -25.04 -0.47
N ALA E 56 39.03 -25.15 -0.53
CA ALA E 56 39.71 -25.65 -1.73
C ALA E 56 41.03 -26.26 -1.26
N GLU E 57 41.19 -27.56 -1.51
CA GLU E 57 42.38 -28.30 -1.09
C GLU E 57 42.98 -29.01 -2.29
N LYS E 58 44.17 -28.56 -2.71
CA LYS E 58 44.96 -29.22 -3.75
C LYS E 58 44.21 -29.27 -5.07
N THR E 59 43.48 -28.19 -5.37
CA THR E 59 42.73 -28.07 -6.61
C THR E 59 43.42 -27.09 -7.55
N LYS E 60 43.22 -27.31 -8.85
CA LYS E 60 43.84 -26.49 -9.87
C LYS E 60 43.02 -25.27 -10.25
N GLU E 61 41.75 -25.21 -9.87
CA GLU E 61 40.88 -24.11 -10.25
C GLU E 61 39.62 -24.13 -9.41
N GLN E 62 39.18 -22.95 -8.99
CA GLN E 62 37.92 -22.82 -8.28
C GLN E 62 37.34 -21.42 -8.45
N VAL E 63 36.36 -21.27 -9.32
CA VAL E 63 35.69 -20.00 -9.54
C VAL E 63 34.31 -20.09 -8.90
N THR E 64 34.02 -19.18 -7.97
CA THR E 64 32.78 -19.21 -7.21
C THR E 64 32.17 -17.82 -7.15
N ASN E 65 30.83 -17.77 -7.18
CA ASN E 65 30.11 -16.51 -7.08
C ASN E 65 28.82 -16.78 -6.31
N VAL E 66 28.72 -16.25 -5.10
CA VAL E 66 27.55 -16.45 -4.24
C VAL E 66 26.80 -15.13 -4.13
N GLY E 67 25.48 -15.19 -4.28
CA GLY E 67 24.65 -14.01 -4.14
C GLY E 67 24.34 -13.67 -2.70
N GLY E 68 23.89 -12.44 -2.49
CA GLY E 68 23.57 -11.98 -1.16
C GLY E 68 22.21 -12.45 -0.67
N ALA E 69 22.02 -12.37 0.64
CA ALA E 69 20.78 -12.81 1.26
C ALA E 69 19.59 -12.02 0.74
N VAL E 70 19.56 -10.72 0.99
CA VAL E 70 18.52 -9.85 0.47
C VAL E 70 19.14 -8.79 -0.41
N VAL E 71 19.22 -9.07 -1.71
CA VAL E 71 19.79 -8.13 -2.67
C VAL E 71 18.74 -7.64 -3.66
N THR E 72 18.53 -6.33 -3.68
CA THR E 72 17.59 -5.69 -4.60
C THR E 72 18.31 -4.65 -5.44
N GLY E 73 18.28 -4.82 -6.75
CA GLY E 73 18.93 -3.91 -7.67
C GLY E 73 19.80 -4.65 -8.67
N VAL E 74 20.41 -3.87 -9.55
CA VAL E 74 21.28 -4.44 -10.58
C VAL E 74 22.49 -5.08 -9.93
N THR E 75 23.01 -6.14 -10.57
CA THR E 75 24.18 -6.85 -10.07
C THR E 75 24.84 -7.54 -11.25
N ALA E 76 26.07 -7.15 -11.55
CA ALA E 76 26.82 -7.72 -12.68
C ALA E 76 28.11 -8.33 -12.14
N VAL E 77 28.37 -9.59 -12.54
CA VAL E 77 29.57 -10.31 -12.13
C VAL E 77 30.22 -10.89 -13.36
N ALA E 78 31.56 -10.83 -13.42
CA ALA E 78 32.33 -11.38 -14.52
C ALA E 78 33.64 -11.91 -13.97
N GLN E 79 33.88 -13.21 -14.15
CA GLN E 79 35.05 -13.87 -13.58
C GLN E 79 35.77 -14.66 -14.65
N LYS E 80 37.04 -14.32 -14.87
CA LYS E 80 37.92 -15.01 -15.81
C LYS E 80 37.32 -15.03 -17.22
N THR E 81 36.71 -13.91 -17.59
CA THR E 81 36.13 -13.74 -18.92
C THR E 81 37.15 -13.12 -19.88
N VAL E 82 36.88 -13.30 -21.17
CA VAL E 82 37.73 -12.76 -22.23
C VAL E 82 36.82 -12.14 -23.28
N GLU E 83 36.90 -10.82 -23.44
CA GLU E 83 36.00 -10.10 -24.35
C GLU E 83 36.62 -9.93 -25.73
N GLY E 84 37.82 -9.36 -25.80
CA GLY E 84 38.50 -9.09 -27.08
C GLY E 84 40.00 -9.11 -26.91
N ALA E 85 40.75 -9.40 -27.97
CA ALA E 85 42.23 -9.50 -27.92
C ALA E 85 42.61 -10.16 -26.59
N GLY E 86 42.44 -11.46 -26.48
CA GLY E 86 42.73 -12.19 -25.22
C GLY E 86 44.22 -12.37 -25.00
N SER E 87 44.60 -13.22 -24.03
CA SER E 87 45.99 -13.52 -23.73
C SER E 87 46.56 -14.52 -24.70
N ILE E 88 47.86 -14.39 -25.00
CA ILE E 88 48.56 -15.28 -25.92
C ILE E 88 49.72 -15.93 -25.19
N ALA E 89 50.12 -17.09 -25.69
CA ALA E 89 51.25 -17.83 -25.10
C ALA E 89 52.13 -18.49 -26.16
N UNK F 1 41.35 -36.71 7.49
CA UNK F 1 40.16 -36.95 8.31
C UNK F 1 39.41 -35.66 8.58
N UNK F 2 39.00 -34.98 7.52
CA UNK F 2 38.26 -33.73 7.66
C UNK F 2 36.91 -33.96 8.33
N UNK F 3 36.50 -33.00 9.15
CA UNK F 3 35.23 -33.07 9.86
C UNK F 3 34.56 -31.69 9.80
N UNK F 4 34.56 -31.09 8.63
CA UNK F 4 33.99 -29.75 8.45
C UNK F 4 32.51 -29.73 8.78
N UNK F 5 32.03 -28.56 9.19
CA UNK F 5 30.62 -28.35 9.48
C UNK F 5 30.31 -26.87 9.24
N UNK F 6 29.02 -26.56 9.05
CA UNK F 6 28.62 -25.18 8.83
C UNK F 6 27.73 -24.67 9.97
N UNK F 7 26.64 -25.39 10.23
CA UNK F 7 25.70 -25.06 11.31
C UNK F 7 25.33 -23.58 11.31
N UNK F 8 24.81 -23.13 10.17
CA UNK F 8 24.44 -21.72 9.99
C UNK F 8 23.01 -21.51 10.46
N UNK F 9 22.83 -21.57 11.77
CA UNK F 9 21.52 -21.40 12.38
C UNK F 9 21.05 -19.96 12.29
N GLU G 35 -18.76 -6.73 22.05
CA GLU G 35 -17.37 -6.57 21.63
C GLU G 35 -17.27 -6.53 20.10
N GLY G 36 -18.33 -6.04 19.46
CA GLY G 36 -18.36 -5.98 18.01
C GLY G 36 -17.34 -4.99 17.48
N VAL G 37 -16.53 -5.42 16.51
CA VAL G 37 -15.51 -4.58 15.93
C VAL G 37 -16.02 -4.07 14.58
N LEU G 38 -15.31 -3.08 14.03
CA LEU G 38 -15.72 -2.48 12.77
C LEU G 38 -14.50 -2.27 11.89
N TYR G 39 -14.76 -1.90 10.63
CA TYR G 39 -13.70 -1.61 9.67
C TYR G 39 -14.33 -0.90 8.48
N VAL G 40 -13.71 0.19 8.03
CA VAL G 40 -14.17 0.94 6.87
C VAL G 40 -12.95 1.32 6.03
N GLY G 41 -13.12 1.26 4.72
CA GLY G 41 -12.05 1.63 3.80
C GLY G 41 -12.56 2.14 2.48
N SER G 42 -11.92 3.19 1.96
CA SER G 42 -12.35 3.82 0.71
C SER G 42 -11.12 4.30 -0.05
N LYS G 43 -11.18 4.18 -1.38
CA LYS G 43 -10.09 4.62 -2.24
C LYS G 43 -10.68 5.27 -3.48
N THR G 44 -10.73 6.60 -3.48
CA THR G 44 -11.15 7.35 -4.66
C THR G 44 -9.94 8.03 -5.30
N LYS G 45 -9.94 8.19 -6.62
CA LYS G 45 -8.83 8.84 -7.28
C LYS G 45 -9.27 10.06 -8.07
N GLU G 46 -10.34 9.97 -8.87
CA GLU G 46 -10.83 11.17 -9.54
C GLU G 46 -11.78 12.02 -8.69
N GLY G 47 -12.23 13.15 -9.24
CA GLY G 47 -12.91 14.18 -8.49
C GLY G 47 -14.35 13.83 -8.14
N VAL G 48 -14.82 14.48 -7.08
CA VAL G 48 -16.17 14.26 -6.57
C VAL G 48 -16.89 15.60 -6.43
N VAL G 49 -17.67 15.97 -7.43
CA VAL G 49 -18.49 17.18 -7.33
C VAL G 49 -19.79 16.83 -6.60
N HIS G 50 -20.21 17.71 -5.69
CA HIS G 50 -21.35 17.44 -4.82
C HIS G 50 -22.02 18.77 -4.48
N GLY G 51 -23.19 19.02 -5.08
CA GLY G 51 -23.90 20.26 -4.84
C GLY G 51 -25.34 20.05 -4.38
N VAL G 52 -25.72 20.69 -3.28
CA VAL G 52 -27.05 20.56 -2.71
C VAL G 52 -27.67 21.95 -2.60
N ALA G 53 -29.00 22.00 -2.63
CA ALA G 53 -29.73 23.25 -2.47
C ALA G 53 -31.09 22.96 -1.89
N THR G 54 -31.53 23.79 -0.94
CA THR G 54 -32.81 23.61 -0.26
C THR G 54 -33.46 24.97 -0.07
N VAL G 55 -34.68 25.12 -0.57
CA VAL G 55 -35.42 26.37 -0.49
C VAL G 55 -36.76 26.11 0.20
N ALA G 56 -37.24 27.12 0.91
CA ALA G 56 -38.53 27.02 1.60
C ALA G 56 -39.08 28.44 1.73
N GLU G 57 -40.24 28.68 1.13
CA GLU G 57 -40.87 29.99 1.11
C GLU G 57 -42.30 29.87 1.64
N LYS G 58 -42.55 30.45 2.82
CA LYS G 58 -43.88 30.56 3.40
C LYS G 58 -44.51 29.19 3.63
N THR G 59 -43.68 28.24 4.04
CA THR G 59 -44.12 26.88 4.34
C THR G 59 -44.15 26.64 5.84
N LYS G 60 -45.04 25.75 6.27
CA LYS G 60 -45.22 25.44 7.68
C LYS G 60 -44.30 24.34 8.18
N GLU G 61 -43.68 23.58 7.28
CA GLU G 61 -42.84 22.46 7.69
C GLU G 61 -42.00 22.01 6.51
N GLN G 62 -40.74 21.69 6.78
CA GLN G 62 -39.86 21.11 5.78
C GLN G 62 -38.75 20.29 6.42
N VAL G 63 -38.89 18.97 6.42
CA VAL G 63 -37.89 18.07 6.95
C VAL G 63 -37.18 17.41 5.77
N THR G 64 -35.86 17.57 5.70
CA THR G 64 -35.08 17.07 4.58
C THR G 64 -33.83 16.37 5.08
N ASN G 65 -33.44 15.31 4.36
CA ASN G 65 -32.23 14.56 4.69
C ASN G 65 -31.62 14.08 3.38
N VAL G 66 -30.46 14.63 3.02
CA VAL G 66 -29.76 14.29 1.79
C VAL G 66 -28.50 13.52 2.13
N GLY G 67 -28.27 12.42 1.41
CA GLY G 67 -27.08 11.63 1.62
C GLY G 67 -25.87 12.20 0.91
N GLY G 68 -24.69 11.73 1.31
CA GLY G 68 -23.46 12.20 0.73
C GLY G 68 -23.14 11.54 -0.60
N ALA G 69 -22.23 12.16 -1.33
CA ALA G 69 -21.85 11.67 -2.65
C ALA G 69 -21.23 10.28 -2.56
N VAL G 70 -20.10 10.16 -1.87
CA VAL G 70 -19.47 8.86 -1.67
C VAL G 70 -19.39 8.59 -0.17
N VAL G 71 -20.40 7.93 0.37
CA VAL G 71 -20.43 7.60 1.80
C VAL G 71 -20.37 6.10 2.03
N THR G 72 -19.34 5.65 2.75
CA THR G 72 -19.15 4.25 3.08
C THR G 72 -19.08 4.09 4.60
N GLY G 73 -19.99 3.31 5.15
CA GLY G 73 -20.05 3.07 6.58
C GLY G 73 -21.44 3.29 7.13
N VAL G 74 -21.57 3.07 8.44
CA VAL G 74 -22.85 3.23 9.11
C VAL G 74 -23.28 4.69 9.06
N THR G 75 -24.60 4.91 9.02
CA THR G 75 -25.16 6.26 8.97
C THR G 75 -26.58 6.19 9.53
N ALA G 76 -26.81 6.88 10.65
CA ALA G 76 -28.12 6.89 11.29
C ALA G 76 -28.62 8.33 11.36
N VAL G 77 -29.86 8.54 10.93
CA VAL G 77 -30.49 9.86 10.94
C VAL G 77 -31.86 9.73 11.58
N ALA G 78 -32.21 10.71 12.41
CA ALA G 78 -33.51 10.75 13.08
C ALA G 78 -33.94 12.20 13.20
N GLN G 79 -35.08 12.54 12.62
CA GLN G 79 -35.56 13.91 12.56
C GLN G 79 -37.00 13.97 13.05
N LYS G 80 -37.22 14.76 14.10
CA LYS G 80 -38.56 15.01 14.65
C LYS G 80 -39.25 13.70 15.04
N THR G 81 -38.47 12.77 15.58
CA THR G 81 -38.98 11.49 16.05
C THR G 81 -39.38 11.58 17.53
N VAL G 82 -40.22 10.64 17.94
CA VAL G 82 -40.69 10.53 19.32
C VAL G 82 -40.61 9.06 19.73
N GLU G 83 -39.73 8.77 20.69
CA GLU G 83 -39.49 7.39 21.12
C GLU G 83 -40.36 6.98 22.30
N GLY G 84 -40.33 7.77 23.39
CA GLY G 84 -41.08 7.46 24.61
C GLY G 84 -41.41 8.72 25.36
N ALA G 85 -42.48 8.72 26.17
CA ALA G 85 -42.93 9.91 26.93
C ALA G 85 -42.73 11.13 26.03
N GLY G 86 -43.60 11.34 25.04
CA GLY G 86 -43.47 12.46 24.10
C GLY G 86 -43.87 13.78 24.71
N SER G 87 -44.04 14.83 23.90
CA SER G 87 -44.47 16.15 24.35
C SER G 87 -45.98 16.19 24.54
N ILE G 88 -46.41 16.98 25.53
CA ILE G 88 -47.82 17.15 25.84
C ILE G 88 -48.19 18.61 25.71
N ALA G 89 -49.48 18.86 25.46
CA ALA G 89 -49.98 20.23 25.34
C ALA G 89 -51.36 20.40 25.97
N UNK H 1 -41.70 36.07 -9.27
CA UNK H 1 -41.07 35.69 -10.52
C UNK H 1 -39.72 35.02 -10.28
N UNK H 2 -39.73 33.92 -9.53
CA UNK H 2 -38.51 33.19 -9.23
C UNK H 2 -37.91 32.60 -10.50
N UNK H 3 -36.58 32.58 -10.55
CA UNK H 3 -35.85 32.05 -11.70
C UNK H 3 -34.67 31.22 -11.18
N UNK H 4 -34.92 30.39 -10.18
CA UNK H 4 -33.87 29.59 -9.56
C UNK H 4 -33.24 28.64 -10.58
N UNK H 5 -31.99 28.28 -10.32
CA UNK H 5 -31.25 27.33 -11.15
C UNK H 5 -30.21 26.64 -10.26
N UNK H 6 -29.73 25.48 -10.71
CA UNK H 6 -28.72 24.76 -9.94
C UNK H 6 -27.41 24.67 -10.72
N UNK H 7 -27.48 24.12 -11.94
CA UNK H 7 -26.33 23.99 -12.83
C UNK H 7 -25.10 23.40 -12.10
N UNK H 8 -25.32 22.22 -11.52
CA UNK H 8 -24.27 21.55 -10.75
C UNK H 8 -23.43 20.67 -11.68
N UNK H 9 -22.63 21.36 -12.50
CA UNK H 9 -21.77 20.67 -13.46
C UNK H 9 -20.61 19.98 -12.76
N GLU I 35 -15.70 -3.92 24.51
CA GLU I 35 -14.33 -3.73 24.06
C GLU I 35 -14.24 -3.68 22.54
N GLY I 36 -15.30 -3.20 21.90
CA GLY I 36 -15.35 -3.13 20.46
C GLY I 36 -14.32 -2.14 19.92
N VAL I 37 -13.52 -2.56 18.95
CA VAL I 37 -12.51 -1.71 18.37
C VAL I 37 -13.02 -1.18 17.03
N LEU I 38 -12.33 -0.20 16.48
CA LEU I 38 -12.74 0.41 15.22
C LEU I 38 -11.53 0.64 14.34
N TYR I 39 -11.80 1.01 13.09
CA TYR I 39 -10.75 1.32 12.12
C TYR I 39 -11.39 2.03 10.94
N VAL I 40 -10.78 3.12 10.50
CA VAL I 40 -11.25 3.88 9.34
C VAL I 40 -10.04 4.26 8.50
N GLY I 41 -10.22 4.22 7.18
CA GLY I 41 -9.15 4.59 6.26
C GLY I 41 -9.67 5.12 4.94
N SER I 42 -9.04 6.17 4.42
CA SER I 42 -9.47 6.80 3.18
C SER I 42 -8.26 7.30 2.41
N LYS I 43 -8.33 7.19 1.09
CA LYS I 43 -7.24 7.63 0.22
C LYS I 43 -7.85 8.30 -1.00
N THR I 44 -7.90 9.63 -1.00
CA THR I 44 -8.33 10.37 -2.18
C THR I 44 -7.13 11.06 -2.81
N LYS I 45 -7.15 11.23 -4.13
CA LYS I 45 -6.03 11.89 -4.80
C LYS I 45 -6.49 13.13 -5.58
N GLU I 46 -7.56 13.02 -6.37
CA GLU I 46 -8.06 14.24 -7.02
C GLU I 46 -9.00 15.07 -6.16
N GLY I 47 -9.46 16.19 -6.71
CA GLY I 47 -10.14 17.22 -5.95
C GLY I 47 -11.58 16.86 -5.58
N VAL I 48 -12.05 17.50 -4.52
CA VAL I 48 -13.39 17.27 -4.01
C VAL I 48 -14.12 18.61 -3.84
N VAL I 49 -14.91 18.99 -4.85
CA VAL I 49 -15.74 20.18 -4.72
C VAL I 49 -17.02 19.83 -3.98
N HIS I 50 -17.44 20.71 -3.07
CA HIS I 50 -18.57 20.43 -2.20
C HIS I 50 -19.25 21.75 -1.84
N GLY I 51 -20.41 22.01 -2.43
CA GLY I 51 -21.14 23.23 -2.18
C GLY I 51 -22.57 23.01 -1.71
N VAL I 52 -22.94 23.65 -0.61
CA VAL I 52 -24.27 23.51 -0.03
C VAL I 52 -24.89 24.89 0.10
N ALA I 53 -26.23 24.95 0.08
CA ALA I 53 -26.96 26.19 0.24
C ALA I 53 -28.32 25.88 0.85
N THR I 54 -28.76 26.72 1.79
CA THR I 54 -30.03 26.52 2.48
C THR I 54 -30.68 27.88 2.69
N VAL I 55 -31.91 28.03 2.19
CA VAL I 55 -32.65 29.27 2.28
C VAL I 55 -33.98 29.00 2.98
N ALA I 56 -34.47 30.01 3.71
CA ALA I 56 -35.75 29.89 4.41
C ALA I 56 -36.31 31.31 4.54
N GLU I 57 -37.47 31.55 3.95
CA GLU I 57 -38.10 32.86 3.96
C GLU I 57 -39.53 32.72 4.49
N LYS I 58 -39.76 33.30 5.67
CA LYS I 58 -41.11 33.40 6.25
C LYS I 58 -41.73 32.02 6.48
N THR I 59 -40.89 31.07 6.89
CA THR I 59 -41.32 29.72 7.17
C THR I 59 -41.34 29.47 8.68
N LYS I 60 -42.22 28.56 9.10
CA LYS I 60 -42.39 28.26 10.52
C LYS I 60 -41.46 27.15 11.00
N GLU I 61 -40.85 26.40 10.09
CA GLU I 61 -40.00 25.28 10.49
C GLU I 61 -39.16 24.84 9.31
N GLN I 62 -37.89 24.52 9.57
CA GLN I 62 -37.02 23.95 8.55
C GLN I 62 -35.91 23.14 9.19
N VAL I 63 -36.05 21.81 9.16
CA VAL I 63 -35.03 20.91 9.69
C VAL I 63 -34.33 20.27 8.50
N THR I 64 -33.02 20.43 8.42
CA THR I 64 -32.24 19.95 7.29
C THR I 64 -30.99 19.24 7.77
N ASN I 65 -30.60 18.19 7.05
CA ASN I 65 -29.38 17.44 7.37
C ASN I 65 -28.78 16.97 6.04
N VAL I 66 -27.62 17.52 5.70
CA VAL I 66 -26.93 17.20 4.45
C VAL I 66 -25.66 16.43 4.78
N GLY I 67 -25.43 15.34 4.05
CA GLY I 67 -24.23 14.55 4.25
C GLY I 67 -23.03 15.13 3.52
N GLY I 68 -21.85 14.66 3.93
CA GLY I 68 -20.62 15.14 3.33
C GLY I 68 -20.31 14.48 2.00
N ALA I 69 -19.41 15.13 1.26
CA ALA I 69 -19.03 14.64 -0.07
C ALA I 69 -18.42 13.26 0.01
N VAL I 70 -17.28 13.14 0.69
CA VAL I 70 -16.64 11.84 0.89
C VAL I 70 -16.55 11.56 2.38
N VAL I 71 -17.55 10.89 2.93
CA VAL I 71 -17.57 10.55 4.36
C VAL I 71 -17.50 9.04 4.56
N THR I 72 -16.47 8.60 5.27
CA THR I 72 -16.27 7.19 5.61
C THR I 72 -16.19 7.03 7.12
N GLY I 73 -17.09 6.23 7.68
CA GLY I 73 -17.14 5.99 9.10
C GLY I 73 -18.52 6.20 9.66
N VAL I 74 -18.64 5.97 10.96
CA VAL I 74 -19.92 6.12 11.65
C VAL I 74 -20.37 7.58 11.62
N THR I 75 -21.68 7.79 11.58
CA THR I 75 -22.24 9.14 11.56
C THR I 75 -23.65 9.06 12.11
N ALA I 76 -23.89 9.74 13.23
CA ALA I 76 -25.19 9.75 13.89
C ALA I 76 -25.70 11.18 13.98
N VAL I 77 -26.94 11.39 13.55
CA VAL I 77 -27.58 12.70 13.56
C VAL I 77 -28.94 12.57 14.22
N ALA I 78 -29.29 13.55 15.06
CA ALA I 78 -30.57 13.57 15.75
C ALA I 78 -31.01 15.02 15.88
N GLN I 79 -32.17 15.35 15.30
CA GLN I 79 -32.65 16.73 15.26
C GLN I 79 -34.09 16.78 15.75
N LYS I 80 -34.32 17.55 16.81
CA LYS I 80 -35.64 17.79 17.37
C LYS I 80 -36.32 16.49 17.75
N THR I 81 -35.54 15.56 18.30
CA THR I 81 -36.04 14.27 18.76
C THR I 81 -36.43 14.34 20.23
N VAL I 82 -37.27 13.39 20.64
CA VAL I 82 -37.72 13.28 22.02
C VAL I 82 -37.62 11.82 22.42
N GLU I 83 -36.75 11.51 23.39
CA GLU I 83 -36.50 10.13 23.79
C GLU I 83 -37.36 9.72 24.99
N GLY I 84 -37.31 10.49 26.08
CA GLY I 84 -38.07 10.17 27.30
C GLY I 84 -38.39 11.43 28.07
N ALA I 85 -39.46 11.42 28.87
CA ALA I 85 -39.91 12.60 29.64
C ALA I 85 -39.72 13.84 28.76
N GLY I 86 -40.60 14.04 27.77
CA GLY I 86 -40.47 15.17 26.84
C GLY I 86 -40.88 16.49 27.46
N SER I 87 -41.06 17.54 26.65
CA SER I 87 -41.49 18.85 27.11
C SER I 87 -42.99 18.89 27.33
N ILE I 88 -43.42 19.68 28.31
CA ILE I 88 -44.83 19.83 28.62
C ILE I 88 -45.21 21.29 28.53
N ALA I 89 -46.50 21.54 28.28
CA ALA I 89 -47.01 22.89 28.17
C ALA I 89 -48.39 23.06 28.81
N UNK J 1 -39.02 39.00 -6.38
CA UNK J 1 -38.40 38.63 -7.65
C UNK J 1 -37.04 37.97 -7.41
N UNK J 2 -37.06 36.86 -6.68
CA UNK J 2 -35.82 36.14 -6.39
C UNK J 2 -35.24 35.55 -7.66
N UNK J 3 -33.90 35.54 -7.73
CA UNK J 3 -33.18 35.01 -8.87
C UNK J 3 -31.98 34.20 -8.37
N UNK J 4 -32.24 33.35 -7.38
CA UNK J 4 -31.17 32.56 -6.78
C UNK J 4 -30.54 31.61 -7.79
N UNK J 5 -29.29 31.26 -7.56
CA UNK J 5 -28.56 30.31 -8.39
C UNK J 5 -27.51 29.63 -7.52
N UNK J 6 -27.03 28.47 -7.97
CA UNK J 6 -26.00 27.75 -7.23
C UNK J 6 -24.70 27.66 -8.01
N UNK J 7 -24.77 27.13 -9.23
CA UNK J 7 -23.63 27.00 -10.13
C UNK J 7 -22.41 26.42 -9.42
N UNK J 8 -22.60 25.24 -8.84
CA UNK J 8 -21.55 24.56 -8.08
C UNK J 8 -20.71 23.71 -9.02
N UNK J 9 -19.92 24.39 -9.85
CA UNK J 9 -19.07 23.72 -10.81
C UNK J 9 -17.90 23.02 -10.13
N GLU K 35 -12.67 -1.12 26.91
CA GLU K 35 -11.30 -0.93 26.46
C GLU K 35 -11.22 -0.87 24.94
N GLY K 36 -12.29 -0.38 24.31
CA GLY K 36 -12.34 -0.31 22.86
C GLY K 36 -11.33 0.69 22.34
N VAL K 37 -10.53 0.27 21.37
CA VAL K 37 -9.51 1.13 20.77
C VAL K 37 -10.03 1.66 19.44
N LEU K 38 -9.36 2.66 18.89
CA LEU K 38 -9.79 3.26 17.64
C LEU K 38 -8.58 3.50 16.74
N TYR K 39 -8.86 3.88 15.50
CA TYR K 39 -7.81 4.20 14.53
C TYR K 39 -8.46 4.92 13.36
N VAL K 40 -7.86 6.01 12.92
CA VAL K 40 -8.33 6.78 11.76
C VAL K 40 -7.13 7.17 10.91
N GLY K 41 -7.32 7.14 9.60
CA GLY K 41 -6.26 7.52 8.68
C GLY K 41 -6.80 8.05 7.37
N SER K 42 -6.17 9.11 6.85
CA SER K 42 -6.60 9.73 5.62
C SER K 42 -5.41 10.25 4.84
N LYS K 43 -5.48 10.15 3.51
CA LYS K 43 -4.39 10.61 2.65
C LYS K 43 -5.00 11.26 1.43
N THR K 44 -5.07 12.59 1.44
CA THR K 44 -5.51 13.35 0.27
C THR K 44 -4.31 14.05 -0.36
N LYS K 45 -4.34 14.22 -1.69
CA LYS K 45 -3.23 14.89 -2.35
C LYS K 45 -3.70 16.13 -3.12
N GLU K 46 -4.78 16.03 -3.91
CA GLU K 46 -5.29 17.24 -4.56
C GLU K 46 -6.22 18.07 -3.69
N GLY K 47 -6.69 19.20 -4.22
CA GLY K 47 -7.37 20.21 -3.45
C GLY K 47 -8.81 19.85 -3.08
N VAL K 48 -9.27 20.49 -2.00
CA VAL K 48 -10.61 20.25 -1.48
C VAL K 48 -11.34 21.57 -1.31
N VAL K 49 -12.14 21.96 -2.30
CA VAL K 49 -12.97 23.15 -2.17
C VAL K 49 -14.24 22.79 -1.43
N HIS K 50 -14.66 23.66 -0.50
CA HIS K 50 -15.80 23.37 0.37
C HIS K 50 -16.46 24.68 0.74
N GLY K 51 -17.63 24.94 0.16
CA GLY K 51 -18.37 26.16 0.43
C GLY K 51 -19.79 25.94 0.91
N VAL K 52 -20.16 26.56 2.01
CA VAL K 52 -21.49 26.42 2.59
C VAL K 52 -22.11 27.80 2.73
N ALA K 53 -23.45 27.85 2.72
CA ALA K 53 -24.18 29.09 2.90
C ALA K 53 -25.54 28.77 3.51
N THR K 54 -25.97 29.60 4.46
CA THR K 54 -27.24 29.39 5.15
C THR K 54 -27.90 30.74 5.38
N VAL K 55 -29.13 30.89 4.89
CA VAL K 55 -29.87 32.13 4.99
C VAL K 55 -31.20 31.85 5.69
N ALA K 56 -31.68 32.85 6.42
CA ALA K 56 -32.96 32.74 7.14
C ALA K 56 -33.52 34.14 7.29
N GLU K 57 -34.69 34.38 6.70
CA GLU K 57 -35.34 35.69 6.72
C GLU K 57 -36.75 35.55 7.26
N LYS K 58 -36.98 36.11 8.45
CA LYS K 58 -38.31 36.20 9.04
C LYS K 58 -38.93 34.82 9.26
N THR K 59 -38.08 33.88 9.66
CA THR K 59 -38.52 32.51 9.94
C THR K 59 -38.53 32.26 11.44
N LYS K 60 -39.40 31.35 11.87
CA LYS K 60 -39.55 31.04 13.28
C LYS K 60 -38.62 29.93 13.75
N GLU K 61 -38.01 29.18 12.84
CA GLU K 61 -37.15 28.06 13.22
C GLU K 61 -36.33 27.63 12.02
N GLN K 62 -35.06 27.32 12.28
CA GLN K 62 -34.19 26.76 11.26
C GLN K 62 -33.07 25.94 11.88
N VAL K 63 -33.20 24.62 11.85
CA VAL K 63 -32.18 23.72 12.37
C VAL K 63 -31.49 23.08 11.17
N THR K 64 -30.17 23.25 11.08
CA THR K 64 -29.40 22.77 9.93
C THR K 64 -28.13 22.08 10.41
N ASN K 65 -27.75 21.03 9.68
CA ASN K 65 -26.53 20.29 9.98
C ASN K 65 -25.93 19.83 8.65
N VAL K 66 -24.78 20.38 8.30
CA VAL K 66 -24.10 20.07 7.05
C VAL K 66 -22.82 19.31 7.36
N GLY K 67 -22.59 18.21 6.64
CA GLY K 67 -21.38 17.43 6.82
C GLY K 67 -20.20 18.02 6.09
N GLY K 68 -19.01 17.55 6.48
CA GLY K 68 -17.79 18.05 5.88
C GLY K 68 -17.48 17.40 4.54
N ALA K 69 -16.59 18.04 3.80
CA ALA K 69 -16.22 17.57 2.47
C ALA K 69 -15.59 16.18 2.54
N VAL K 70 -14.45 16.06 3.21
CA VAL K 70 -13.81 14.76 3.40
C VAL K 70 -13.70 14.48 4.88
N VAL K 71 -14.70 13.80 5.44
CA VAL K 71 -14.71 13.45 6.86
C VAL K 71 -14.63 11.94 7.06
N THR K 72 -13.59 11.50 7.76
CA THR K 72 -13.39 10.09 8.08
C THR K 72 -13.30 9.92 9.59
N GLY K 73 -14.20 9.12 10.15
CA GLY K 73 -14.23 8.87 11.58
C GLY K 73 -15.62 9.08 12.15
N VAL K 74 -15.72 8.83 13.46
CA VAL K 74 -17.00 8.96 14.14
C VAL K 74 -17.45 10.42 14.12
N THR K 75 -18.76 10.64 14.10
CA THR K 75 -19.34 11.98 14.08
C THR K 75 -20.74 11.90 14.65
N ALA K 76 -20.97 12.57 15.77
CA ALA K 76 -22.27 12.57 16.44
C ALA K 76 -22.78 14.00 16.53
N VAL K 77 -24.03 14.20 16.12
CA VAL K 77 -24.67 15.52 16.15
C VAL K 77 -26.03 15.38 16.81
N ALA K 78 -26.37 16.34 17.66
CA ALA K 78 -27.66 16.36 18.34
C ALA K 78 -28.10 17.81 18.50
N GLN K 79 -29.26 18.13 17.92
CA GLN K 79 -29.75 19.51 17.90
C GLN K 79 -31.18 19.56 18.40
N LYS K 80 -31.40 20.32 19.47
CA LYS K 80 -32.73 20.55 20.03
C LYS K 80 -33.41 19.24 20.41
N THR K 81 -32.62 18.31 20.94
CA THR K 81 -33.11 17.02 21.39
C THR K 81 -33.49 17.09 22.86
N VAL K 82 -34.32 16.13 23.28
CA VAL K 82 -34.76 16.01 24.67
C VAL K 82 -34.66 14.54 25.05
N GLU K 83 -33.79 14.23 26.01
CA GLU K 83 -33.53 12.85 26.41
C GLU K 83 -34.37 12.43 27.61
N GLY K 84 -34.32 13.20 28.70
CA GLY K 84 -35.07 12.86 29.93
C GLY K 84 -35.39 14.12 30.71
N ALA K 85 -36.45 14.10 31.52
CA ALA K 85 -36.91 15.27 32.29
C ALA K 85 -36.73 16.52 31.41
N GLY K 86 -37.61 16.71 30.44
CA GLY K 86 -37.50 17.85 29.51
C GLY K 86 -37.90 19.17 30.14
N SER K 87 -38.09 20.22 29.34
CA SER K 87 -38.52 21.53 29.81
C SER K 87 -40.02 21.56 30.04
N ILE K 88 -40.45 22.34 31.03
CA ILE K 88 -41.86 22.49 31.35
C ILE K 88 -42.25 23.95 31.26
N ALA K 89 -43.54 24.20 31.03
CA ALA K 89 -44.06 25.55 30.92
C ALA K 89 -45.43 25.70 31.57
N UNK L 1 -36.34 41.89 -3.58
CA UNK L 1 -35.72 41.53 -4.86
C UNK L 1 -34.36 40.87 -4.63
N UNK L 2 -34.36 39.76 -3.89
CA UNK L 2 -33.12 39.03 -3.62
C UNK L 2 -32.54 38.46 -4.90
N UNK L 3 -31.21 38.46 -4.98
CA UNK L 3 -30.49 37.94 -6.13
C UNK L 3 -29.29 37.12 -5.64
N UNK L 4 -29.52 36.27 -4.65
CA UNK L 4 -28.47 35.48 -4.06
C UNK L 4 -27.83 34.53 -5.09
N UNK L 5 -26.58 34.19 -4.85
CA UNK L 5 -25.85 33.25 -5.71
C UNK L 5 -24.79 32.56 -4.85
N UNK L 6 -24.31 31.42 -5.31
CA UNK L 6 -23.28 30.69 -4.57
C UNK L 6 -21.97 30.62 -5.36
N UNK L 7 -22.06 30.09 -6.58
CA UNK L 7 -20.92 29.98 -7.49
C UNK L 7 -19.69 29.39 -6.78
N UNK L 8 -19.88 28.20 -6.21
CA UNK L 8 -18.82 27.52 -5.46
C UNK L 8 -17.98 26.67 -6.41
N UNK L 9 -17.20 27.36 -7.24
CA UNK L 9 -16.35 26.71 -8.22
C UNK L 9 -15.17 26.01 -7.55
C1 NAG M . 38.67 -22.82 -25.50
C2 NAG M . 39.56 -23.82 -24.73
C3 NAG M . 38.81 -24.66 -23.77
C4 NAG M . 37.83 -23.90 -22.96
C5 NAG M . 36.91 -23.03 -23.85
C6 NAG M . 35.99 -22.24 -22.97
C7 NAG M . 41.44 -24.37 -26.36
C8 NAG M . 42.07 -25.30 -27.37
N2 NAG M . 40.18 -24.74 -25.73
O3 NAG M . 39.77 -25.28 -22.85
O4 NAG M . 37.02 -24.82 -22.23
O5 NAG M . 37.69 -22.10 -24.66
O6 NAG M . 35.63 -21.08 -23.66
O7 NAG M . 41.97 -23.34 -26.09
C1 NAG N . 41.55 -19.40 -23.52
C2 NAG N . 42.44 -20.42 -22.75
C3 NAG N . 41.71 -21.25 -21.80
C4 NAG N . 40.72 -20.50 -20.99
C5 NAG N . 39.80 -19.64 -21.86
C6 NAG N . 38.88 -18.86 -20.97
C7 NAG N . 44.32 -20.93 -24.40
C8 NAG N . 44.96 -21.86 -25.43
N2 NAG N . 43.07 -21.31 -23.76
O3 NAG N . 42.69 -21.89 -20.90
O4 NAG N . 39.93 -21.44 -20.25
O5 NAG N . 40.57 -18.71 -22.67
O6 NAG N . 38.51 -17.70 -21.66
O7 NAG N . 44.84 -19.91 -24.13
C1 NAG O . 44.37 -16.04 -21.52
C2 NAG O . 45.27 -17.05 -20.78
C3 NAG O . 44.55 -17.90 -19.82
C4 NAG O . 43.57 -17.16 -19.00
C5 NAG O . 42.63 -16.29 -19.86
C6 NAG O . 41.72 -15.52 -18.96
C7 NAG O . 47.15 -17.55 -22.43
C8 NAG O . 47.78 -18.47 -23.47
N2 NAG O . 45.91 -17.94 -21.79
O3 NAG O . 45.54 -18.52 -18.92
O4 NAG O . 42.78 -18.11 -18.25
O5 NAG O . 43.39 -15.35 -20.67
O6 NAG O . 41.34 -14.36 -19.64
O7 NAG O . 47.66 -16.53 -22.15
C1 NAG P . -44.57 16.73 20.67
C2 NAG P . -45.13 18.09 20.16
C3 NAG P . -44.99 18.27 18.70
C4 NAG P . -43.66 17.87 18.19
C5 NAG P . -43.27 16.45 18.64
C6 NAG P . -41.90 16.12 18.14
C7 NAG P . -47.02 18.62 21.77
C8 NAG P . -48.51 18.67 22.09
N2 NAG P . -46.58 18.13 20.48
O3 NAG P . -45.18 19.70 18.41
O4 NAG P . -43.70 17.90 16.76
O5 NAG P . -43.26 16.36 20.10
O6 NAG P . -41.33 15.20 19.02
O7 NAG P . -46.23 18.98 22.58
C1 NAG Q . -41.63 19.46 23.45
C2 NAG Q . -42.19 20.81 22.94
C3 NAG Q . -42.05 21.01 21.49
C4 NAG Q . -40.74 20.61 20.96
C5 NAG Q . -40.33 19.20 21.41
C6 NAG Q . -38.96 18.88 20.90
C7 NAG Q . -44.07 21.33 24.58
C8 NAG Q . -45.56 21.37 24.90
N2 NAG Q . -43.64 20.85 23.28
O3 NAG Q . -42.27 22.44 21.20
O4 NAG Q . -40.79 20.65 19.53
O5 NAG Q . -40.32 19.10 22.86
O6 NAG Q . -38.38 17.95 21.76
O7 NAG Q . -43.28 21.69 25.38
C1 NAG R . -38.68 22.16 26.15
C2 NAG R . -39.25 23.51 25.66
C3 NAG R . -39.12 23.72 24.21
C4 NAG R . -37.81 23.33 23.67
C5 NAG R . -37.40 21.91 24.10
C6 NAG R . -36.03 21.60 23.58
C7 NAG R . -41.13 24.02 27.30
C8 NAG R . -42.62 24.05 27.65
N2 NAG R . -40.69 23.55 26.00
O3 NAG R . -39.34 25.15 23.93
O4 NAG R . -37.87 23.38 22.24
O5 NAG R . -37.38 21.80 25.56
O6 NAG R . -35.44 20.68 24.44
O7 NAG R . -40.33 24.38 28.10
#